data_5VEZ
#
_entry.id   5VEZ
#
_cell.length_a   50.469
_cell.length_b   79.712
_cell.length_c   55.523
_cell.angle_alpha   90.00
_cell.angle_beta   107.50
_cell.angle_gamma   90.00
#
_symmetry.space_group_name_H-M   'P 1 21 1'
#
loop_
_entity.id
_entity.type
_entity.pdbx_description
1 polymer "DNA (5'-D(*CP*CP*GP*AP*CP*GP*AP*CP*GP*CP*AP*TP*CP*AP*GP*C)-3')"
2 polymer "DNA (5'-D(*GP*CP*TP*GP*AP*TP*GP*CP*GP*(8OG))-3')"
3 polymer "DNA (5'-D(P*GP*TP*CP*GP*G)-3')"
4 polymer 'DNA polymerase beta'
5 non-polymer 'SODIUM ION'
6 non-polymer 'MAGNESIUM ION'
7 non-polymer "2'-deoxy-5'-O-[(S)-hydroxy{[(S)-hydroxy(phosphonooxy)phosphoryl]methyl}phosphoryl]cytidine"
8 water water
#
loop_
_entity_poly.entity_id
_entity_poly.type
_entity_poly.pdbx_seq_one_letter_code
_entity_poly.pdbx_strand_id
1 'polydeoxyribonucleotide' (DC)(DC)(DG)(DA)(DC)(DG)(DA)(DC)(DG)(DC)(DA)(DT)(DC)(DA)(DG)(DC) T
2 'polydeoxyribonucleotide' (DG)(DC)(DT)(DG)(DA)(DT)(DG)(DC)(DG)(8OG) P
3 'polydeoxyribonucleotide' (DG)(DT)(DC)(DG)(DG) D
4 'polypeptide(L)'
;MSKRKAPQETLNGGITDMLTELANFEKNVSQAIHKYNAYRKAASVIAKYPHKIKSGAEAKKLPGVGTKIAEKIDEFLATG
KLRKLEKIRQDDTSSSINFLTRVSGIGPSAARKFVDEGIKTLEDLRKNEDKLNHHQRIGLKYFGDFEKRIPREEMLQMQD
IVLNEVKKVDSEYIATVCGSFRRGAESSGDMDVLLTHPSFTSESTKQPKLLHQVVEQLQKVHFITDTLSKGETKFMGVCQ
LPSKNDEKEYPHRRIDIRLIPKDQYYCGVLYFTGSDIFNKNMRAHALEKGFTINEYTIRPLGVTGVAGEPLPVDSEKDIF
DYIQWKYREPKDRSE
;
A
#
loop_
_chem_comp.id
_chem_comp.type
_chem_comp.name
_chem_comp.formula
8OG DNA linking 8-OXO-2'-DEOXY-GUANOSINE-5'-MONOPHOSPHATE 'C10 H14 N5 O8 P'
DA DNA linking 2'-DEOXYADENOSINE-5'-MONOPHOSPHATE 'C10 H14 N5 O6 P'
DC DNA linking 2'-DEOXYCYTIDINE-5'-MONOPHOSPHATE 'C9 H14 N3 O7 P'
DG DNA linking 2'-DEOXYGUANOSINE-5'-MONOPHOSPHATE 'C10 H14 N5 O7 P'
DT DNA linking THYMIDINE-5'-MONOPHOSPHATE 'C10 H15 N2 O8 P'
MG non-polymer 'MAGNESIUM ION' 'Mg 2'
NA non-polymer 'SODIUM ION' 'Na 1'
XC5 non-polymer 2'-deoxy-5'-O-[(S)-hydroxy{[(S)-hydroxy(phosphonooxy)phosphoryl]methyl}phosphoryl]cytidine 'C10 H18 N3 O12 P3'
#
# COMPACT_ATOMS: atom_id res chain seq x y z
P 8OG B 10 3.88 1.12 4.20
OP1 8OG B 10 3.37 0.41 5.36
OP2 8OG B 10 4.20 0.17 3.06
O5' 8OG B 10 2.86 2.20 3.64
C5' 8OG B 10 2.07 3.05 4.47
C4' 8OG B 10 1.17 3.90 3.57
O4' 8OG B 10 1.89 4.62 2.54
C3' 8OG B 10 0.02 3.15 2.89
O3' 8OG B 10 -1.22 3.36 3.52
C2' 8OG B 10 -0.08 3.82 1.53
C1' 8OG B 10 0.98 4.91 1.52
N9 8OG B 10 1.71 5.04 0.25
C8 8OG B 10 1.45 6.02 -0.71
N7 8OG B 10 2.30 5.78 -1.75
C5 8OG B 10 3.08 4.69 -1.47
C6 8OG B 10 4.12 4.01 -2.13
O6 8OG B 10 4.52 4.32 -3.28
N1 8OG B 10 4.64 2.92 -1.52
C2 8OG B 10 4.20 2.54 -0.31
N2 8OG B 10 4.80 1.44 0.28
N3 8OG B 10 3.23 3.14 0.42
C4 8OG B 10 2.70 4.22 -0.23
O8 8OG B 10 0.60 6.92 -0.64
N THR D 10 -6.62 -17.95 -8.51
CA THR D 10 -5.24 -18.43 -8.53
C THR D 10 -5.02 -19.43 -9.66
N LEU D 11 -5.63 -19.17 -10.83
CA LEU D 11 -5.45 -20.05 -11.98
C LEU D 11 -4.00 -20.06 -12.43
N ASN D 12 -3.31 -18.94 -12.28
CA ASN D 12 -1.94 -18.74 -12.75
C ASN D 12 -1.06 -18.27 -11.60
N GLY D 13 -1.33 -18.76 -10.39
CA GLY D 13 -0.57 -18.34 -9.23
C GLY D 13 0.93 -18.58 -9.37
N GLY D 14 1.31 -19.69 -10.01
CA GLY D 14 2.73 -19.93 -10.24
C GLY D 14 3.39 -18.84 -11.05
N ILE D 15 2.73 -18.38 -12.11
CA ILE D 15 3.29 -17.33 -12.95
C ILE D 15 3.33 -16.00 -12.19
N THR D 16 2.23 -15.64 -11.52
CA THR D 16 2.22 -14.36 -10.84
C THR D 16 3.17 -14.34 -9.65
N ASP D 17 3.36 -15.48 -8.97
CA ASP D 17 4.37 -15.52 -7.92
C ASP D 17 5.75 -15.28 -8.50
N MET D 18 6.03 -15.85 -9.68
CA MET D 18 7.33 -15.68 -10.30
C MET D 18 7.59 -14.22 -10.63
N LEU D 19 6.62 -13.57 -11.28
CA LEU D 19 6.75 -12.16 -11.61
C LEU D 19 6.88 -11.29 -10.37
N THR D 20 6.23 -11.67 -9.27
CA THR D 20 6.33 -10.88 -8.05
C THR D 20 7.74 -10.99 -7.47
N GLU D 21 8.33 -12.17 -7.48
CA GLU D 21 9.70 -12.32 -7.01
C GLU D 21 10.70 -11.61 -7.92
N LEU D 22 10.43 -11.59 -9.22
CA LEU D 22 11.26 -10.78 -10.09
C LEU D 22 11.09 -9.29 -9.81
N ALA D 23 9.87 -8.82 -9.57
CA ALA D 23 9.68 -7.41 -9.25
C ALA D 23 10.43 -7.03 -7.98
N ASN D 24 10.29 -7.84 -6.93
CA ASN D 24 10.96 -7.53 -5.68
C ASN D 24 12.48 -7.56 -5.86
N PHE D 25 13.01 -8.49 -6.67
CA PHE D 25 14.44 -8.50 -6.93
C PHE D 25 14.88 -7.20 -7.56
N GLU D 26 14.16 -6.73 -8.58
CA GLU D 26 14.57 -5.52 -9.30
C GLU D 26 14.49 -4.30 -8.40
N LYS D 27 13.47 -4.24 -7.54
CA LYS D 27 13.36 -3.13 -6.62
C LYS D 27 14.46 -3.18 -5.57
N ASN D 28 14.60 -4.33 -4.90
CA ASN D 28 15.40 -4.38 -3.68
C ASN D 28 16.89 -4.49 -3.99
N VAL D 29 17.25 -5.27 -5.01
CA VAL D 29 18.66 -5.58 -5.30
C VAL D 29 19.17 -4.65 -6.39
N SER D 30 18.47 -4.66 -7.55
CA SER D 30 18.90 -3.87 -8.70
C SER D 30 18.60 -2.39 -8.55
N GLN D 31 17.66 -2.02 -7.68
CA GLN D 31 17.20 -0.64 -7.59
C GLN D 31 16.79 -0.14 -8.98
N ALA D 32 15.97 -0.94 -9.64
CA ALA D 32 15.43 -0.66 -10.96
C ALA D 32 13.92 -0.54 -10.81
N ILE D 33 13.46 0.66 -10.42
CA ILE D 33 12.08 0.84 -10.01
C ILE D 33 11.12 0.65 -11.18
N HIS D 34 11.57 0.92 -12.40
CA HIS D 34 10.66 0.75 -13.53
C HIS D 34 10.53 -0.71 -13.93
N LYS D 35 11.59 -1.51 -13.73
CA LYS D 35 11.43 -2.95 -13.90
C LYS D 35 10.53 -3.53 -12.84
N TYR D 36 10.58 -2.97 -11.63
CA TYR D 36 9.70 -3.43 -10.57
C TYR D 36 8.25 -3.18 -10.95
N ASN D 37 7.96 -1.99 -11.48
CA ASN D 37 6.58 -1.68 -11.87
C ASN D 37 6.15 -2.49 -13.10
N ALA D 38 7.06 -2.71 -14.05
CA ALA D 38 6.72 -3.54 -15.21
C ALA D 38 6.35 -4.96 -14.77
N TYR D 39 7.16 -5.56 -13.92
CA TYR D 39 6.85 -6.91 -13.43
C TYR D 39 5.55 -6.92 -12.62
N ARG D 40 5.35 -5.92 -11.78
CA ARG D 40 4.11 -5.87 -11.00
C ARG D 40 2.90 -5.72 -11.90
N LYS D 41 2.98 -4.87 -12.91
CA LYS D 41 1.85 -4.70 -13.83
C LYS D 41 1.57 -5.98 -14.59
N ALA D 42 2.61 -6.66 -15.06
CA ALA D 42 2.41 -7.93 -15.74
C ALA D 42 1.73 -8.93 -14.82
N ALA D 43 2.21 -9.02 -13.57
CA ALA D 43 1.59 -9.93 -12.60
C ALA D 43 0.13 -9.57 -12.38
N SER D 44 -0.18 -8.28 -12.29
CA SER D 44 -1.55 -7.85 -12.13
C SER D 44 -2.42 -8.24 -13.32
N VAL D 45 -1.94 -8.01 -14.55
CA VAL D 45 -2.79 -8.30 -15.70
C VAL D 45 -3.00 -9.80 -15.83
N ILE D 46 -1.99 -10.59 -15.48
CA ILE D 46 -2.12 -12.04 -15.53
C ILE D 46 -3.05 -12.53 -14.42
N ALA D 47 -3.03 -11.87 -13.25
CA ALA D 47 -3.84 -12.33 -12.12
C ALA D 47 -5.33 -12.25 -12.42
N LYS D 48 -5.77 -11.30 -13.25
CA LYS D 48 -7.18 -11.22 -13.55
C LYS D 48 -7.55 -11.89 -14.87
N TYR D 49 -6.59 -12.46 -15.59
CA TYR D 49 -6.89 -13.17 -16.82
C TYR D 49 -7.65 -14.45 -16.49
N PRO D 50 -8.83 -14.67 -17.07
CA PRO D 50 -9.74 -15.70 -16.54
C PRO D 50 -9.51 -17.09 -17.11
N HIS D 51 -8.31 -17.38 -17.62
CA HIS D 51 -7.98 -18.68 -18.15
C HIS D 51 -6.61 -19.11 -17.62
N LYS D 52 -6.41 -20.42 -17.55
CA LYS D 52 -5.09 -21.01 -17.29
C LYS D 52 -4.18 -20.74 -18.48
N ILE D 53 -3.14 -19.94 -18.28
CA ILE D 53 -2.21 -19.64 -19.38
C ILE D 53 -1.48 -20.91 -19.79
N LYS D 54 -1.43 -21.15 -21.11
CA LYS D 54 -0.80 -22.36 -21.64
C LYS D 54 0.46 -22.07 -22.45
N SER D 55 0.79 -20.80 -22.69
CA SER D 55 2.04 -20.45 -23.33
C SER D 55 2.33 -18.97 -23.09
N GLY D 56 3.61 -18.61 -23.25
CA GLY D 56 4.00 -17.22 -23.18
C GLY D 56 3.47 -16.39 -24.32
N ALA D 57 3.19 -17.01 -25.48
CA ALA D 57 2.62 -16.25 -26.60
C ALA D 57 1.18 -15.86 -26.30
N GLU D 58 0.41 -16.76 -25.68
CA GLU D 58 -0.90 -16.35 -25.15
C GLU D 58 -0.76 -15.19 -24.17
N ALA D 59 0.22 -15.29 -23.25
CA ALA D 59 0.38 -14.25 -22.24
C ALA D 59 0.80 -12.92 -22.85
N LYS D 60 1.63 -12.96 -23.90
CA LYS D 60 2.10 -11.74 -24.55
C LYS D 60 0.97 -10.95 -25.19
N LYS D 61 -0.14 -11.60 -25.52
CA LYS D 61 -1.30 -10.86 -26.02
C LYS D 61 -1.77 -9.81 -25.02
N LEU D 62 -1.54 -10.03 -23.72
CA LEU D 62 -2.01 -9.10 -22.69
C LEU D 62 -1.11 -7.88 -22.60
N PRO D 63 -1.65 -6.72 -22.21
CA PRO D 63 -0.84 -5.51 -22.16
C PRO D 63 0.03 -5.49 -20.90
N GLY D 64 1.33 -5.25 -21.09
CA GLY D 64 2.28 -5.31 -20.01
C GLY D 64 3.11 -6.57 -19.99
N VAL D 65 2.74 -7.58 -20.76
CA VAL D 65 3.58 -8.74 -21.02
C VAL D 65 4.24 -8.55 -22.38
N GLY D 66 5.55 -8.43 -22.40
CA GLY D 66 6.35 -8.28 -23.60
C GLY D 66 7.08 -9.56 -23.94
N THR D 67 8.16 -9.44 -24.72
CA THR D 67 8.87 -10.63 -25.16
C THR D 67 9.65 -11.26 -24.00
N LYS D 68 10.30 -10.43 -23.19
CA LYS D 68 11.12 -10.95 -22.09
C LYS D 68 10.28 -11.76 -21.10
N ILE D 69 9.14 -11.20 -20.68
CA ILE D 69 8.29 -11.94 -19.75
C ILE D 69 7.68 -13.15 -20.44
N ALA D 70 7.36 -13.01 -21.73
CA ALA D 70 6.84 -14.15 -22.47
C ALA D 70 7.83 -15.30 -22.43
N GLU D 71 9.12 -15.01 -22.65
CA GLU D 71 10.12 -16.08 -22.61
C GLU D 71 10.22 -16.68 -21.22
N LYS D 72 10.17 -15.85 -20.17
CA LYS D 72 10.20 -16.39 -18.82
C LYS D 72 8.98 -17.24 -18.52
N ILE D 73 7.82 -16.91 -19.09
CA ILE D 73 6.66 -17.74 -18.83
C ILE D 73 6.78 -19.08 -19.55
N ASP D 74 7.40 -19.10 -20.74
CA ASP D 74 7.63 -20.39 -21.41
C ASP D 74 8.57 -21.27 -20.59
N GLU D 75 9.67 -20.70 -20.09
CA GLU D 75 10.55 -21.47 -19.22
C GLU D 75 9.78 -22.03 -18.04
N PHE D 76 8.97 -21.20 -17.38
CA PHE D 76 8.31 -21.65 -16.16
C PHE D 76 7.27 -22.73 -16.46
N LEU D 77 6.58 -22.62 -17.58
CA LEU D 77 5.58 -23.63 -17.91
C LEU D 77 6.23 -24.95 -18.26
N ALA D 78 7.41 -24.92 -18.89
CA ALA D 78 8.09 -26.14 -19.27
C ALA D 78 8.65 -26.87 -18.05
N THR D 79 9.35 -26.15 -17.18
CA THR D 79 10.11 -26.78 -16.11
C THR D 79 9.49 -26.63 -14.73
N GLY D 80 8.64 -25.63 -14.53
CA GLY D 80 8.15 -25.32 -13.20
C GLY D 80 9.03 -24.35 -12.41
N LYS D 81 10.07 -23.80 -13.03
CA LYS D 81 10.92 -22.88 -12.31
C LYS D 81 11.57 -21.91 -13.29
N LEU D 82 12.35 -20.98 -12.73
CA LEU D 82 13.07 -19.99 -13.50
C LEU D 82 14.52 -19.98 -13.05
N ARG D 83 15.44 -20.34 -13.95
CA ARG D 83 16.86 -20.40 -13.59
C ARG D 83 17.33 -19.07 -13.02
N LYS D 84 16.88 -17.94 -13.60
CA LYS D 84 17.26 -16.63 -13.11
C LYS D 84 16.92 -16.47 -11.63
N LEU D 85 15.70 -16.86 -11.25
CA LEU D 85 15.33 -16.85 -9.83
C LEU D 85 16.11 -17.87 -9.04
N GLU D 86 16.30 -19.08 -9.59
CA GLU D 86 17.06 -20.10 -8.89
C GLU D 86 18.45 -19.58 -8.51
N LYS D 87 19.10 -18.87 -9.42
CA LYS D 87 20.39 -18.26 -9.10
C LYS D 87 20.23 -17.20 -8.03
N ILE D 88 19.29 -16.27 -8.23
CA ILE D 88 19.11 -15.17 -7.29
C ILE D 88 18.94 -15.70 -5.87
N ARG D 89 18.22 -16.83 -5.71
CA ARG D 89 17.98 -17.40 -4.40
C ARG D 89 19.25 -17.93 -3.74
N GLN D 90 20.22 -18.38 -4.54
CA GLN D 90 21.45 -18.91 -3.97
C GLN D 90 22.47 -17.81 -3.67
N ASP D 91 22.32 -16.64 -4.26
CA ASP D 91 23.29 -15.57 -4.01
C ASP D 91 23.04 -14.97 -2.62
N ASP D 92 24.03 -15.12 -1.74
CA ASP D 92 23.80 -14.77 -0.34
C ASP D 92 23.58 -13.27 -0.19
N THR D 93 24.27 -12.44 -0.97
CA THR D 93 24.08 -11.01 -0.86
C THR D 93 22.69 -10.60 -1.31
N SER D 94 22.28 -11.03 -2.50
CA SER D 94 20.94 -10.70 -2.98
C SER D 94 19.87 -11.14 -2.00
N SER D 95 19.98 -12.37 -1.49
CA SER D 95 18.99 -12.87 -0.55
C SER D 95 19.00 -12.05 0.75
N SER D 96 20.19 -11.63 1.20
CA SER D 96 20.25 -10.85 2.42
C SER D 96 19.65 -9.47 2.22
N ILE D 97 19.97 -8.82 1.10
CA ILE D 97 19.41 -7.50 0.80
C ILE D 97 17.90 -7.62 0.70
N ASN D 98 17.41 -8.65 0.01
CA ASN D 98 15.97 -8.84 -0.14
C ASN D 98 15.30 -9.01 1.22
N PHE D 99 15.91 -9.78 2.11
CA PHE D 99 15.29 -10.03 3.41
C PHE D 99 15.21 -8.76 4.25
N LEU D 100 16.32 -8.01 4.34
CA LEU D 100 16.33 -6.83 5.21
C LEU D 100 15.27 -5.80 4.81
N THR D 101 14.94 -5.71 3.51
CA THR D 101 13.89 -4.78 3.09
C THR D 101 12.52 -5.17 3.63
N ARG D 102 12.36 -6.37 4.17
CA ARG D 102 11.07 -6.72 4.76
C ARG D 102 10.82 -5.96 6.06
N VAL D 103 11.85 -5.41 6.66
CA VAL D 103 11.68 -4.58 7.85
C VAL D 103 11.17 -3.22 7.42
N SER D 104 10.10 -2.76 8.06
CA SER D 104 9.53 -1.47 7.73
C SER D 104 10.58 -0.39 7.98
N GLY D 105 10.73 0.52 7.01
CA GLY D 105 11.73 1.55 7.12
C GLY D 105 13.09 1.20 6.54
N ILE D 106 13.37 -0.06 6.26
CA ILE D 106 14.58 -0.43 5.53
C ILE D 106 14.18 -0.63 4.07
N GLY D 107 14.63 0.26 3.20
CA GLY D 107 14.44 0.08 1.78
C GLY D 107 15.72 -0.45 1.12
N PRO D 108 15.73 -0.45 -0.20
CA PRO D 108 16.89 -0.99 -0.94
C PRO D 108 18.23 -0.31 -0.64
N SER D 109 18.25 1.00 -0.39
CA SER D 109 19.52 1.65 -0.08
C SER D 109 20.04 1.21 1.29
N ALA D 110 19.21 1.33 2.32
CA ALA D 110 19.62 0.92 3.65
C ALA D 110 19.99 -0.55 3.69
N ALA D 111 19.26 -1.38 2.95
CA ALA D 111 19.50 -2.82 3.01
C ALA D 111 20.87 -3.18 2.43
N ARG D 112 21.22 -2.58 1.29
CA ARG D 112 22.53 -2.82 0.71
C ARG D 112 23.64 -2.22 1.57
N LYS D 113 23.38 -1.04 2.14
CA LYS D 113 24.29 -0.46 3.12
C LYS D 113 24.55 -1.40 4.28
N PHE D 114 23.49 -2.01 4.83
CA PHE D 114 23.69 -2.91 5.98
C PHE D 114 24.41 -4.18 5.58
N VAL D 115 24.02 -4.78 4.44
CA VAL D 115 24.66 -6.02 4.02
C VAL D 115 26.14 -5.79 3.73
N ASP D 116 26.49 -4.60 3.23
CA ASP D 116 27.89 -4.23 3.07
C ASP D 116 28.61 -4.19 4.41
N GLU D 117 27.97 -3.62 5.43
CA GLU D 117 28.55 -3.58 6.78
C GLU D 117 28.56 -4.94 7.47
N GLY D 118 28.11 -6.01 6.80
CA GLY D 118 28.07 -7.33 7.39
C GLY D 118 26.81 -7.64 8.17
N ILE D 119 25.83 -6.74 8.18
CA ILE D 119 24.58 -6.93 8.90
C ILE D 119 23.60 -7.54 7.92
N LYS D 120 23.34 -8.84 8.07
CA LYS D 120 22.55 -9.50 7.04
C LYS D 120 21.57 -10.54 7.58
N THR D 121 21.35 -10.61 8.90
CA THR D 121 20.33 -11.47 9.47
C THR D 121 19.51 -10.68 10.49
N LEU D 122 18.42 -11.30 10.92
CA LEU D 122 17.61 -10.71 11.98
C LEU D 122 18.41 -10.54 13.26
N GLU D 123 19.19 -11.55 13.64
CA GLU D 123 20.10 -11.43 14.76
C GLU D 123 21.09 -10.30 14.56
N ASP D 124 21.59 -10.11 13.34
CA ASP D 124 22.56 -9.03 13.12
C ASP D 124 21.91 -7.66 13.30
N LEU D 125 20.62 -7.54 12.96
CA LEU D 125 19.91 -6.28 13.16
C LEU D 125 19.74 -5.98 14.63
N ARG D 126 19.33 -6.98 15.40
CA ARG D 126 19.11 -6.77 16.83
C ARG D 126 20.38 -6.27 17.52
N LYS D 127 21.52 -6.91 17.21
CA LYS D 127 22.75 -6.52 17.87
C LYS D 127 23.19 -5.11 17.47
N ASN D 128 22.74 -4.62 16.31
CA ASN D 128 23.14 -3.31 15.82
C ASN D 128 21.99 -2.32 15.86
N GLU D 129 21.10 -2.46 16.83
CA GLU D 129 19.91 -1.62 16.91
C GLU D 129 20.26 -0.14 16.91
N ASP D 130 21.45 0.22 17.41
CA ASP D 130 21.86 1.61 17.46
C ASP D 130 22.10 2.21 16.07
N LYS D 131 22.28 1.40 15.03
CA LYS D 131 22.48 1.93 13.69
C LYS D 131 21.17 2.17 12.94
N LEU D 132 20.02 2.08 13.61
CA LEU D 132 18.71 2.20 13.01
C LEU D 132 18.08 3.52 13.40
N ASN D 133 17.39 4.16 12.46
CA ASN D 133 16.59 5.30 12.84
C ASN D 133 15.31 4.79 13.54
N HIS D 134 14.42 5.72 13.88
CA HIS D 134 13.29 5.35 14.73
C HIS D 134 12.31 4.41 14.01
N HIS D 135 11.98 4.71 12.76
CA HIS D 135 11.06 3.87 11.99
C HIS D 135 11.59 2.44 11.89
N GLN D 136 12.85 2.29 11.50
CA GLN D 136 13.46 0.97 11.38
C GLN D 136 13.45 0.23 12.71
N ARG D 137 13.69 0.94 13.81
N ARG D 137 13.69 0.94 13.81
CA ARG D 137 13.65 0.32 15.13
CA ARG D 137 13.64 0.33 15.14
C ARG D 137 12.26 -0.25 15.44
C ARG D 137 12.26 -0.24 15.46
N ILE D 138 11.20 0.49 15.09
CA ILE D 138 9.85 -0.03 15.31
C ILE D 138 9.57 -1.19 14.35
N GLY D 139 10.02 -1.07 13.09
CA GLY D 139 9.85 -2.18 12.15
C GLY D 139 10.53 -3.46 12.61
N LEU D 140 11.71 -3.33 13.23
CA LEU D 140 12.39 -4.52 13.74
C LEU D 140 11.65 -5.08 14.95
N LYS D 141 11.23 -4.19 15.86
CA LYS D 141 10.51 -4.58 17.07
C LYS D 141 9.35 -5.50 16.74
N TYR D 142 8.56 -5.13 15.74
CA TYR D 142 7.32 -5.82 15.43
C TYR D 142 7.45 -6.61 14.14
N PHE D 143 8.67 -7.03 13.81
CA PHE D 143 8.91 -7.68 12.53
C PHE D 143 7.96 -8.85 12.30
N GLY D 144 7.89 -9.77 13.26
CA GLY D 144 7.05 -10.93 13.08
C GLY D 144 5.58 -10.57 12.99
N ASP D 145 5.14 -9.61 13.81
CA ASP D 145 3.72 -9.25 13.80
C ASP D 145 3.33 -8.62 12.48
N PHE D 146 4.13 -7.69 11.98
CA PHE D 146 3.82 -7.01 10.72
C PHE D 146 3.84 -7.97 9.54
N GLU D 147 4.39 -9.17 9.70
CA GLU D 147 4.30 -10.21 8.68
C GLU D 147 2.95 -10.89 8.67
N LYS D 148 2.18 -10.81 9.75
CA LYS D 148 0.92 -11.52 9.82
C LYS D 148 -0.20 -10.73 9.15
N ARG D 149 -1.13 -11.47 8.54
CA ARG D 149 -2.36 -10.87 8.01
C ARG D 149 -3.32 -10.56 9.14
N ILE D 150 -4.30 -9.73 8.83
CA ILE D 150 -5.35 -9.36 9.78
C ILE D 150 -6.66 -9.92 9.24
N PRO D 151 -7.31 -10.86 9.94
CA PRO D 151 -8.62 -11.36 9.49
C PRO D 151 -9.63 -10.23 9.50
N ARG D 152 -10.58 -10.30 8.56
CA ARG D 152 -11.57 -9.23 8.45
C ARG D 152 -12.35 -9.06 9.75
N GLU D 153 -12.53 -10.14 10.51
CA GLU D 153 -13.25 -10.06 11.77
C GLU D 153 -12.53 -9.12 12.74
N GLU D 154 -11.18 -9.21 12.79
CA GLU D 154 -10.39 -8.28 13.59
C GLU D 154 -10.41 -6.88 13.00
N MET D 155 -10.40 -6.77 11.66
CA MET D 155 -10.53 -5.46 11.03
C MET D 155 -11.83 -4.79 11.47
N LEU D 156 -12.91 -5.57 11.62
CA LEU D 156 -14.18 -5.02 12.07
C LEU D 156 -14.10 -4.52 13.51
N GLN D 157 -13.38 -5.22 14.39
CA GLN D 157 -13.24 -4.74 15.75
C GLN D 157 -12.39 -3.48 15.79
N MET D 158 -11.32 -3.45 14.98
CA MET D 158 -10.46 -2.26 14.94
C MET D 158 -11.23 -1.05 14.41
N GLN D 159 -12.03 -1.25 13.35
CA GLN D 159 -12.91 -0.20 12.85
C GLN D 159 -13.78 0.37 13.97
N ASP D 160 -14.44 -0.53 14.72
CA ASP D 160 -15.34 -0.09 15.77
C ASP D 160 -14.62 0.81 16.77
N ILE D 161 -13.42 0.40 17.19
CA ILE D 161 -12.63 1.20 18.14
C ILE D 161 -12.29 2.55 17.52
N VAL D 162 -11.72 2.54 16.30
CA VAL D 162 -11.28 3.81 15.72
C VAL D 162 -12.47 4.74 15.57
N LEU D 163 -13.60 4.23 15.06
CA LEU D 163 -14.74 5.10 14.79
C LEU D 163 -15.35 5.64 16.08
N ASN D 164 -15.41 4.84 17.14
CA ASN D 164 -15.99 5.32 18.38
C ASN D 164 -15.06 6.26 19.13
N GLU D 165 -13.75 6.06 19.03
CA GLU D 165 -12.86 6.96 19.75
C GLU D 165 -12.78 8.31 19.03
N VAL D 166 -12.92 8.29 17.71
CA VAL D 166 -12.96 9.54 16.97
C VAL D 166 -14.24 10.31 17.30
N LYS D 167 -15.36 9.60 17.44
CA LYS D 167 -16.62 10.26 17.81
C LYS D 167 -16.53 10.92 19.18
N LYS D 168 -15.80 10.31 20.11
CA LYS D 168 -15.65 10.89 21.45
C LYS D 168 -14.84 12.18 21.43
N VAL D 169 -13.88 12.29 20.51
CA VAL D 169 -13.12 13.54 20.43
C VAL D 169 -14.01 14.65 19.90
N ASP D 170 -14.65 14.42 18.75
CA ASP D 170 -15.52 15.43 18.15
C ASP D 170 -16.48 14.69 17.22
N SER D 171 -17.78 14.89 17.46
CA SER D 171 -18.81 14.18 16.71
C SER D 171 -18.82 14.55 15.24
N GLU D 172 -18.17 15.64 14.86
CA GLU D 172 -18.14 16.05 13.47
C GLU D 172 -17.04 15.38 12.64
N TYR D 173 -16.08 14.71 13.27
CA TYR D 173 -15.14 13.92 12.49
C TYR D 173 -15.88 12.84 11.72
N ILE D 174 -15.32 12.44 10.58
CA ILE D 174 -15.82 11.26 9.90
C ILE D 174 -14.63 10.40 9.54
N ALA D 175 -14.61 9.17 10.03
CA ALA D 175 -13.54 8.21 9.79
C ALA D 175 -14.07 7.12 8.88
N THR D 176 -13.31 6.82 7.82
CA THR D 176 -13.69 5.84 6.81
C THR D 176 -12.53 4.88 6.62
N VAL D 177 -12.75 3.58 6.82
CA VAL D 177 -11.65 2.64 6.62
C VAL D 177 -11.55 2.33 5.14
N CYS D 178 -10.34 2.39 4.60
CA CYS D 178 -10.14 2.26 3.17
C CYS D 178 -9.23 1.07 2.90
N GLY D 179 -8.31 1.20 1.94
CA GLY D 179 -7.43 0.10 1.66
C GLY D 179 -8.18 -1.17 1.26
N SER D 180 -7.48 -2.30 1.42
CA SER D 180 -8.08 -3.60 1.09
C SER D 180 -9.37 -3.86 1.86
N PHE D 181 -9.50 -3.34 3.08
CA PHE D 181 -10.76 -3.50 3.81
C PHE D 181 -11.96 -2.97 3.01
N ARG D 182 -11.85 -1.73 2.51
CA ARG D 182 -12.96 -1.18 1.76
C ARG D 182 -13.21 -1.96 0.47
N ARG D 183 -12.16 -2.56 -0.11
CA ARG D 183 -12.32 -3.42 -1.27
C ARG D 183 -12.91 -4.78 -0.94
N GLY D 184 -13.23 -5.03 0.33
CA GLY D 184 -13.90 -6.26 0.72
C GLY D 184 -12.98 -7.42 1.01
N ALA D 185 -11.70 -7.17 1.27
CA ALA D 185 -10.77 -8.26 1.48
C ALA D 185 -11.13 -9.07 2.72
N GLU D 186 -10.98 -10.39 2.62
CA GLU D 186 -11.21 -11.28 3.75
C GLU D 186 -10.10 -11.20 4.78
N SER D 187 -8.93 -10.70 4.39
CA SER D 187 -7.86 -10.32 5.30
C SER D 187 -7.13 -9.13 4.71
N SER D 188 -6.49 -8.33 5.57
CA SER D 188 -5.78 -7.13 5.17
C SER D 188 -4.37 -7.14 5.75
N GLY D 189 -3.45 -6.46 5.07
CA GLY D 189 -2.10 -6.32 5.59
C GLY D 189 -1.98 -5.32 6.73
N ASP D 190 -2.87 -4.33 6.77
CA ASP D 190 -2.88 -3.27 7.79
C ASP D 190 -4.27 -2.62 7.80
N MET D 191 -4.40 -1.52 8.55
CA MET D 191 -5.62 -0.70 8.54
C MET D 191 -5.32 0.70 7.99
N ASP D 192 -6.14 1.14 7.04
CA ASP D 192 -6.04 2.45 6.41
C ASP D 192 -7.29 3.25 6.72
N VAL D 193 -7.12 4.43 7.32
CA VAL D 193 -8.23 5.22 7.82
C VAL D 193 -8.19 6.61 7.18
N LEU D 194 -9.26 6.96 6.46
N LEU D 194 -9.25 6.96 6.45
CA LEU D 194 -9.46 8.31 5.99
CA LEU D 194 -9.42 8.33 5.98
C LEU D 194 -10.23 9.09 7.04
C LEU D 194 -10.23 9.10 7.01
N LEU D 195 -9.80 10.33 7.29
CA LEU D 195 -10.41 11.15 8.31
C LEU D 195 -10.76 12.50 7.70
N THR D 196 -11.98 12.99 7.96
CA THR D 196 -12.33 14.36 7.61
C THR D 196 -12.93 15.06 8.83
N HIS D 197 -12.88 16.40 8.79
CA HIS D 197 -13.48 17.25 9.81
C HIS D 197 -13.88 18.54 9.11
N PRO D 198 -15.09 19.06 9.37
CA PRO D 198 -15.53 20.27 8.66
C PRO D 198 -14.62 21.48 8.84
N SER D 199 -13.78 21.52 9.87
CA SER D 199 -12.90 22.67 10.05
C SER D 199 -11.67 22.64 9.15
N PHE D 200 -11.48 21.61 8.33
CA PHE D 200 -10.31 21.49 7.48
C PHE D 200 -10.80 21.23 6.06
N THR D 201 -10.77 22.28 5.24
CA THR D 201 -11.16 22.24 3.85
C THR D 201 -9.98 22.75 3.00
N SER D 202 -10.14 22.63 1.67
CA SER D 202 -9.15 23.25 0.78
C SER D 202 -9.10 24.75 0.98
N GLU D 203 -10.18 25.32 1.52
CA GLU D 203 -10.25 26.77 1.72
C GLU D 203 -9.54 27.19 2.99
N SER D 204 -9.69 26.47 4.09
CA SER D 204 -9.06 26.94 5.32
C SER D 204 -8.91 25.82 6.32
N THR D 205 -8.03 26.05 7.29
CA THR D 205 -7.88 25.22 8.48
C THR D 205 -8.29 26.08 9.66
N LYS D 206 -9.49 25.84 10.20
CA LYS D 206 -10.05 26.63 11.27
C LYS D 206 -9.80 26.06 12.64
N GLN D 207 -9.10 24.91 12.74
CA GLN D 207 -8.71 24.31 14.01
C GLN D 207 -7.34 23.68 13.82
N PRO D 208 -6.41 23.89 14.75
CA PRO D 208 -5.13 23.17 14.71
C PRO D 208 -5.27 21.78 15.32
N LYS D 209 -4.20 21.00 15.22
CA LYS D 209 -4.08 19.71 15.90
C LYS D 209 -5.20 18.73 15.52
N LEU D 210 -5.82 18.86 14.35
CA LEU D 210 -6.99 18.04 14.07
C LEU D 210 -6.65 16.55 14.05
N LEU D 211 -5.53 16.19 13.41
CA LEU D 211 -5.10 14.79 13.39
C LEU D 211 -4.48 14.40 14.73
N HIS D 212 -3.70 15.31 15.33
CA HIS D 212 -3.03 15.01 16.59
C HIS D 212 -4.01 14.63 17.69
N GLN D 213 -5.12 15.36 17.81
CA GLN D 213 -6.11 15.04 18.84
C GLN D 213 -6.64 13.62 18.66
N VAL D 214 -6.88 13.21 17.42
CA VAL D 214 -7.33 11.83 17.17
C VAL D 214 -6.23 10.84 17.56
N VAL D 215 -4.99 11.09 17.10
CA VAL D 215 -3.90 10.19 17.45
C VAL D 215 -3.75 10.10 18.96
N GLU D 216 -3.84 11.25 19.64
CA GLU D 216 -3.66 11.31 21.09
C GLU D 216 -4.76 10.57 21.83
N GLN D 217 -6.01 10.69 21.37
CA GLN D 217 -7.09 9.90 21.95
C GLN D 217 -6.85 8.40 21.79
N LEU D 218 -6.33 7.99 20.64
CA LEU D 218 -6.13 6.55 20.39
C LEU D 218 -4.95 6.00 21.17
N GLN D 219 -3.94 6.84 21.42
CA GLN D 219 -2.87 6.47 22.34
C GLN D 219 -3.38 6.37 23.78
N LYS D 220 -4.22 7.32 24.20
CA LYS D 220 -4.70 7.32 25.58
C LYS D 220 -5.43 6.02 25.93
N VAL D 221 -6.19 5.47 25.00
CA VAL D 221 -6.94 4.24 25.27
C VAL D 221 -6.07 3.02 24.94
N HIS D 222 -4.78 3.26 24.69
CA HIS D 222 -3.80 2.20 24.41
C HIS D 222 -4.13 1.40 23.16
N PHE D 223 -4.86 1.98 22.22
CA PHE D 223 -4.99 1.37 20.91
C PHE D 223 -3.72 1.58 20.10
N ILE D 224 -3.34 2.84 19.90
CA ILE D 224 -2.08 3.15 19.24
C ILE D 224 -0.95 2.97 20.24
N THR D 225 0.04 2.17 19.88
CA THR D 225 1.15 1.83 20.75
C THR D 225 2.48 2.42 20.33
N ASP D 226 2.67 2.75 19.04
CA ASP D 226 3.93 3.30 18.56
C ASP D 226 3.65 4.17 17.35
N THR D 227 4.60 5.06 17.06
CA THR D 227 4.51 5.99 15.96
C THR D 227 5.70 5.79 15.02
N LEU D 228 5.43 5.56 13.74
CA LEU D 228 6.52 5.54 12.75
C LEU D 228 6.83 6.91 12.20
N SER D 229 5.80 7.68 11.83
CA SER D 229 5.97 9.05 11.39
C SER D 229 4.64 9.75 11.57
N LYS D 230 4.70 11.07 11.71
CA LYS D 230 3.50 11.82 12.04
C LYS D 230 3.68 13.26 11.60
N GLY D 231 2.72 13.75 10.81
CA GLY D 231 2.71 15.14 10.42
C GLY D 231 1.32 15.67 10.60
N GLU D 232 1.00 16.79 9.94
CA GLU D 232 -0.30 17.41 10.14
C GLU D 232 -1.43 16.67 9.46
N THR D 233 -1.13 15.87 8.43
CA THR D 233 -2.20 15.20 7.71
C THR D 233 -1.99 13.69 7.53
N LYS D 234 -0.81 13.14 7.86
CA LYS D 234 -0.59 11.69 7.75
C LYS D 234 0.05 11.15 9.01
N PHE D 235 -0.60 10.16 9.61
CA PHE D 235 -0.03 9.38 10.70
C PHE D 235 0.26 7.97 10.20
N MET D 236 1.41 7.44 10.61
N MET D 236 1.45 7.46 10.52
CA MET D 236 1.83 6.10 10.28
CA MET D 236 1.79 6.06 10.26
C MET D 236 2.35 5.45 11.55
C MET D 236 2.32 5.47 11.55
N GLY D 237 1.65 4.45 12.07
CA GLY D 237 2.07 3.82 13.30
C GLY D 237 1.54 2.42 13.59
N VAL D 238 1.39 2.12 14.87
CA VAL D 238 1.17 0.77 15.35
C VAL D 238 0.00 0.77 16.32
N CYS D 239 -0.83 -0.26 16.25
CA CYS D 239 -2.01 -0.39 17.09
C CYS D 239 -2.19 -1.86 17.50
N GLN D 240 -3.09 -2.10 18.44
CA GLN D 240 -3.30 -3.45 18.97
C GLN D 240 -4.70 -3.56 19.58
N LEU D 241 -5.43 -4.59 19.20
CA LEU D 241 -6.72 -4.87 19.81
C LEU D 241 -6.53 -5.24 21.28
N PRO D 242 -7.46 -4.87 22.15
CA PRO D 242 -7.40 -5.34 23.54
C PRO D 242 -7.81 -6.80 23.61
N SER D 243 -7.14 -7.55 24.46
CA SER D 243 -7.44 -8.96 24.67
C SER D 243 -8.12 -9.15 26.02
N LYS D 244 -8.72 -10.32 26.22
CA LYS D 244 -9.49 -10.65 27.41
C LYS D 244 -8.59 -11.28 28.48
N ASN D 245 -9.14 -11.40 29.69
CA ASN D 245 -8.41 -12.02 30.80
C ASN D 245 -7.93 -13.41 30.42
N ASP D 246 -6.65 -13.67 30.68
CA ASP D 246 -5.98 -14.95 30.44
C ASP D 246 -5.73 -15.21 28.96
N GLU D 247 -6.07 -14.30 28.08
CA GLU D 247 -6.03 -14.54 26.65
C GLU D 247 -4.71 -14.05 26.07
N LYS D 248 -4.19 -14.78 25.09
CA LYS D 248 -2.99 -14.34 24.41
C LYS D 248 -3.23 -12.99 23.75
N GLU D 249 -2.21 -12.12 23.74
CA GLU D 249 -2.37 -10.80 23.12
C GLU D 249 -2.48 -10.92 21.60
N TYR D 250 -3.31 -10.04 21.01
CA TYR D 250 -3.34 -9.88 19.57
C TYR D 250 -1.99 -9.40 19.04
N PRO D 251 -1.62 -9.74 17.82
CA PRO D 251 -0.43 -9.16 17.23
C PRO D 251 -0.57 -7.65 17.11
N HIS D 252 0.56 -6.97 17.18
CA HIS D 252 0.54 -5.54 16.85
C HIS D 252 0.37 -5.37 15.35
N ARG D 253 -0.31 -4.29 14.94
CA ARG D 253 -0.69 -4.05 13.54
C ARG D 253 -0.27 -2.66 13.08
N ARG D 254 0.00 -2.54 11.78
CA ARG D 254 0.24 -1.23 11.20
C ARG D 254 -1.05 -0.48 10.96
N ILE D 255 -1.09 0.80 11.35
CA ILE D 255 -2.23 1.67 11.07
C ILE D 255 -1.73 2.95 10.42
N ASP D 256 -2.41 3.37 9.36
CA ASP D 256 -2.16 4.63 8.68
C ASP D 256 -3.43 5.45 8.77
N ILE D 257 -3.30 6.75 9.03
CA ILE D 257 -4.43 7.65 9.10
C ILE D 257 -4.12 8.87 8.24
N ARG D 258 -5.04 9.23 7.37
CA ARG D 258 -4.86 10.33 6.44
C ARG D 258 -6.00 11.31 6.64
N LEU D 259 -5.68 12.52 7.06
CA LEU D 259 -6.64 13.59 7.21
C LEU D 259 -6.72 14.33 5.89
N ILE D 260 -7.91 14.39 5.31
CA ILE D 260 -8.07 14.96 3.97
C ILE D 260 -9.09 16.09 4.02
N PRO D 261 -8.86 17.20 3.32
CA PRO D 261 -9.85 18.31 3.36
C PRO D 261 -11.23 17.79 3.02
N LYS D 262 -12.23 18.24 3.79
CA LYS D 262 -13.55 17.64 3.70
C LYS D 262 -14.17 17.81 2.32
N ASP D 263 -13.88 18.92 1.63
CA ASP D 263 -14.42 19.10 0.28
C ASP D 263 -13.66 18.29 -0.76
N GLN D 264 -12.65 17.53 -0.35
CA GLN D 264 -11.88 16.71 -1.29
C GLN D 264 -12.01 15.23 -0.93
N TYR D 265 -13.14 14.88 -0.32
CA TYR D 265 -13.31 13.54 0.23
C TYR D 265 -13.30 12.46 -0.85
N TYR D 266 -14.01 12.69 -1.96
CA TYR D 266 -14.16 11.61 -2.94
C TYR D 266 -12.85 11.33 -3.66
N CYS D 267 -12.07 12.37 -3.96
CA CYS D 267 -10.72 12.12 -4.47
C CYS D 267 -9.89 11.40 -3.40
N GLY D 268 -10.10 11.71 -2.13
CA GLY D 268 -9.31 11.08 -1.09
C GLY D 268 -9.67 9.61 -0.91
N VAL D 269 -10.96 9.28 -0.91
CA VAL D 269 -11.37 7.90 -0.70
C VAL D 269 -11.09 7.06 -1.93
N LEU D 270 -11.12 7.67 -3.12
CA LEU D 270 -10.69 6.96 -4.32
C LEU D 270 -9.23 6.55 -4.20
N TYR D 271 -8.38 7.52 -3.83
CA TYR D 271 -6.96 7.24 -3.63
C TYR D 271 -6.73 6.16 -2.58
N PHE D 272 -7.36 6.30 -1.41
CA PHE D 272 -7.04 5.44 -0.29
C PHE D 272 -7.69 4.07 -0.38
N THR D 273 -8.68 3.90 -1.25
CA THR D 273 -9.26 2.58 -1.46
C THR D 273 -8.37 1.72 -2.36
N GLY D 274 -7.57 2.36 -3.21
CA GLY D 274 -6.65 1.62 -4.08
C GLY D 274 -7.35 0.60 -4.97
N SER D 275 -6.67 -0.47 -5.36
CA SER D 275 -5.30 -0.79 -4.96
C SER D 275 -4.25 0.16 -5.52
N ASP D 276 -2.99 -0.06 -5.15
CA ASP D 276 -1.93 0.80 -5.67
C ASP D 276 -1.81 0.64 -7.17
N ILE D 277 -1.96 -0.59 -7.68
CA ILE D 277 -1.89 -0.78 -9.12
C ILE D 277 -3.14 -0.25 -9.81
N PHE D 278 -4.31 -0.36 -9.16
CA PHE D 278 -5.51 0.27 -9.71
C PHE D 278 -5.31 1.77 -9.89
N ASN D 279 -4.79 2.43 -8.84
CA ASN D 279 -4.55 3.87 -8.89
C ASN D 279 -3.55 4.24 -9.97
N LYS D 280 -2.51 3.44 -10.14
CA LYS D 280 -1.54 3.76 -11.18
C LYS D 280 -2.17 3.61 -12.56
N ASN D 281 -2.92 2.52 -12.78
CA ASN D 281 -3.63 2.39 -14.04
C ASN D 281 -4.61 3.53 -14.26
N MET D 282 -5.34 3.91 -13.19
CA MET D 282 -6.39 4.90 -13.37
C MET D 282 -5.79 6.28 -13.65
N ARG D 283 -4.71 6.62 -12.93
CA ARG D 283 -4.07 7.92 -13.12
C ARG D 283 -3.37 7.99 -14.47
N ALA D 284 -2.76 6.87 -14.90
CA ALA D 284 -2.17 6.83 -16.23
C ALA D 284 -3.24 7.03 -17.29
N HIS D 285 -4.41 6.39 -17.10
CA HIS D 285 -5.50 6.57 -18.03
C HIS D 285 -6.00 8.02 -18.03
N ALA D 286 -6.11 8.63 -16.85
CA ALA D 286 -6.49 10.04 -16.78
C ALA D 286 -5.55 10.91 -17.60
N LEU D 287 -4.24 10.65 -17.51
CA LEU D 287 -3.29 11.42 -18.30
C LEU D 287 -3.61 11.31 -19.80
N GLU D 288 -3.71 10.08 -20.30
CA GLU D 288 -4.06 9.89 -21.71
C GLU D 288 -5.36 10.61 -22.06
N LYS D 289 -6.29 10.74 -21.11
CA LYS D 289 -7.52 11.48 -21.37
C LYS D 289 -7.36 12.98 -21.14
N GLY D 290 -6.18 13.44 -20.73
CA GLY D 290 -5.97 14.86 -20.54
C GLY D 290 -6.40 15.39 -19.19
N PHE D 291 -6.24 14.59 -18.13
CA PHE D 291 -6.48 15.01 -16.76
C PHE D 291 -5.35 14.51 -15.89
N THR D 292 -5.22 15.09 -14.70
CA THR D 292 -4.36 14.51 -13.69
C THR D 292 -5.14 14.35 -12.39
N ILE D 293 -4.91 13.23 -11.72
CA ILE D 293 -5.64 12.84 -10.51
C ILE D 293 -4.65 12.65 -9.38
N ASN D 294 -4.88 13.34 -8.27
CA ASN D 294 -4.19 12.96 -7.04
C ASN D 294 -5.24 12.75 -5.96
N GLU D 295 -4.82 12.64 -4.70
CA GLU D 295 -5.77 12.35 -3.64
C GLU D 295 -6.65 13.53 -3.29
N TYR D 296 -6.38 14.71 -3.87
CA TYR D 296 -7.14 15.93 -3.58
C TYR D 296 -8.11 16.30 -4.68
N THR D 297 -7.70 16.19 -5.94
CA THR D 297 -8.40 16.84 -7.04
C THR D 297 -8.22 16.02 -8.30
N ILE D 298 -9.13 16.21 -9.25
CA ILE D 298 -8.88 15.91 -10.64
C ILE D 298 -8.88 17.22 -11.41
N ARG D 299 -7.80 17.49 -12.14
N ARG D 299 -7.80 17.48 -12.16
CA ARG D 299 -7.66 18.73 -12.88
CA ARG D 299 -7.64 18.74 -12.88
C ARG D 299 -7.45 18.43 -14.36
C ARG D 299 -7.41 18.45 -14.35
N PRO D 300 -7.87 19.32 -15.26
CA PRO D 300 -7.56 19.15 -16.67
C PRO D 300 -6.13 19.60 -16.96
N LEU D 301 -5.58 19.05 -18.03
CA LEU D 301 -4.28 19.47 -18.52
C LEU D 301 -4.47 20.36 -19.74
N GLY D 302 -3.80 21.52 -19.74
CA GLY D 302 -3.81 22.41 -20.89
C GLY D 302 -2.99 21.84 -22.03
N VAL D 303 -2.88 22.65 -23.10
CA VAL D 303 -2.09 22.22 -24.26
C VAL D 303 -0.62 22.13 -23.88
N THR D 304 -0.17 23.01 -22.99
CA THR D 304 1.21 23.00 -22.53
C THR D 304 1.52 21.80 -21.64
N GLY D 305 0.49 21.15 -21.11
CA GLY D 305 0.67 20.09 -20.14
C GLY D 305 0.49 20.50 -18.68
N VAL D 306 0.21 21.77 -18.40
CA VAL D 306 0.14 22.27 -17.03
C VAL D 306 -1.26 22.03 -16.49
N ALA D 307 -1.34 21.61 -15.22
CA ALA D 307 -2.62 21.34 -14.58
C ALA D 307 -3.42 22.62 -14.41
N GLY D 308 -4.70 22.55 -14.74
CA GLY D 308 -5.63 23.64 -14.53
C GLY D 308 -6.28 23.55 -13.17
N GLU D 309 -7.46 24.14 -13.08
CA GLU D 309 -8.20 24.26 -11.84
C GLU D 309 -8.94 22.98 -11.50
N PRO D 310 -9.17 22.72 -10.21
CA PRO D 310 -9.91 21.52 -9.81
C PRO D 310 -11.33 21.50 -10.39
N LEU D 311 -11.72 20.32 -10.94
CA LEU D 311 -13.04 20.08 -11.50
C LEU D 311 -14.02 19.70 -10.39
N PRO D 312 -15.30 20.07 -10.52
CA PRO D 312 -16.27 19.73 -9.48
C PRO D 312 -16.49 18.23 -9.40
N VAL D 313 -16.41 17.71 -8.17
CA VAL D 313 -16.51 16.28 -7.90
C VAL D 313 -17.47 16.10 -6.73
N ASP D 314 -18.51 15.30 -6.94
CA ASP D 314 -19.49 15.02 -5.88
C ASP D 314 -19.68 13.54 -5.61
N SER D 315 -18.82 12.69 -6.15
CA SER D 315 -18.92 11.25 -5.96
C SER D 315 -17.66 10.65 -6.55
N GLU D 316 -17.31 9.45 -6.08
CA GLU D 316 -16.25 8.69 -6.76
C GLU D 316 -16.57 8.56 -8.24
N LYS D 317 -17.85 8.31 -8.57
CA LYS D 317 -18.21 8.02 -9.95
C LYS D 317 -17.95 9.20 -10.87
N ASP D 318 -18.14 10.43 -10.37
CA ASP D 318 -17.77 11.61 -11.17
C ASP D 318 -16.35 11.52 -11.67
N ILE D 319 -15.43 11.00 -10.84
CA ILE D 319 -14.05 10.91 -11.27
C ILE D 319 -13.92 9.93 -12.42
N PHE D 320 -14.58 8.77 -12.31
CA PHE D 320 -14.62 7.83 -13.44
C PHE D 320 -15.22 8.49 -14.69
N ASP D 321 -16.32 9.23 -14.52
CA ASP D 321 -16.99 9.86 -15.66
C ASP D 321 -16.08 10.81 -16.42
N TYR D 322 -15.30 11.62 -15.70
CA TYR D 322 -14.40 12.56 -16.37
C TYR D 322 -13.45 11.86 -17.32
N ILE D 323 -12.89 10.73 -16.91
CA ILE D 323 -11.89 10.04 -17.73
C ILE D 323 -12.54 8.96 -18.60
N GLN D 324 -13.87 8.92 -18.65
CA GLN D 324 -14.63 8.04 -19.54
C GLN D 324 -14.42 6.57 -19.19
N TRP D 325 -14.41 6.28 -17.89
CA TRP D 325 -14.40 4.91 -17.38
C TRP D 325 -15.76 4.61 -16.80
N LYS D 326 -16.31 3.43 -17.11
CA LYS D 326 -17.43 2.92 -16.33
C LYS D 326 -17.00 2.78 -14.88
N TYR D 327 -17.95 2.97 -13.97
CA TYR D 327 -17.67 2.93 -12.55
C TYR D 327 -17.28 1.52 -12.14
N ARG D 328 -16.33 1.42 -11.22
CA ARG D 328 -15.95 0.14 -10.65
C ARG D 328 -16.12 0.24 -9.13
N GLU D 329 -16.93 -0.65 -8.58
CA GLU D 329 -17.10 -0.70 -7.15
C GLU D 329 -15.77 -1.05 -6.50
N PRO D 330 -15.55 -0.63 -5.25
CA PRO D 330 -14.29 -0.95 -4.55
C PRO D 330 -13.84 -2.39 -4.72
N LYS D 331 -14.77 -3.35 -4.62
CA LYS D 331 -14.40 -4.76 -4.65
C LYS D 331 -13.81 -5.19 -5.98
N ASP D 332 -14.08 -4.46 -7.05
CA ASP D 332 -13.51 -4.77 -8.35
C ASP D 332 -12.27 -3.92 -8.66
N ARG D 333 -11.69 -3.27 -7.65
CA ARG D 333 -10.48 -2.48 -7.85
C ARG D 333 -9.23 -3.16 -7.30
N SER D 334 -9.27 -4.48 -7.10
CA SER D 334 -8.15 -5.17 -6.44
C SER D 334 -7.20 -5.73 -7.51
N GLU D 335 -6.42 -4.82 -8.08
CA GLU D 335 -5.50 -5.18 -9.13
C GLU D 335 -4.08 -5.24 -8.58
NA NA E . 1.68 -3.45 3.49
MG MG F . -3.70 -1.30 3.68
NA NA G . 11.28 -2.13 4.16
NA NA H . 1.50 -7.61 -24.65
PA XC5 I . -1.54 -0.11 1.56
O1A XC5 I . -2.18 -0.21 3.01
O2A XC5 I . -0.08 -0.12 1.65
C3A XC5 I . -1.97 -1.52 0.62
PB XC5 I . -3.69 -2.06 0.59
O1B XC5 I . -4.32 -1.84 -0.74
O2B XC5 I . -4.51 -1.35 1.72
O3B XC5 I . -3.63 -3.62 0.92
PG XC5 I . -3.07 -4.31 2.25
O1G XC5 I . -1.74 -4.94 2.00
O2G XC5 I . -4.15 -5.39 2.72
O3G XC5 I . -2.96 -3.16 3.36
N1 XC5 I . -1.52 3.45 -2.26
C2 XC5 I . -1.13 4.08 -3.44
N3 XC5 I . 0.05 3.84 -3.96
C4 XC5 I . 0.93 3.04 -3.37
C5 XC5 I . 0.59 2.39 -2.17
C6 XC5 I . -0.64 2.61 -1.64
O2 XC5 I . -1.93 4.82 -3.97
N4 XC5 I . 2.14 2.85 -3.99
C1' XC5 I . -2.88 3.73 -1.79
C2' XC5 I . -3.83 2.65 -2.32
C3' XC5 I . -3.78 1.61 -1.19
C4' XC5 I . -3.83 2.57 0.03
O4' XC5 I . -2.92 3.65 -0.37
O5' XC5 I . -2.11 1.12 0.79
C5' XC5 I . -3.27 1.83 1.24
O3' XC5 I . -4.91 0.76 -1.22
#